data_5JPC
#
_entry.id   5JPC
#
_cell.length_a   83.189
_cell.length_b   83.189
_cell.length_c   67.633
_cell.angle_alpha   90.00
_cell.angle_beta   90.00
_cell.angle_gamma   120.00
#
_symmetry.space_group_name_H-M   'P 32 2 1'
#
loop_
_entity.id
_entity.type
_entity.pdbx_description
1 polymer 'Aminodeoxyfutalosine nucleosidase'
2 non-polymer (1S)-1-(7-amino-1H-pyrazolo[4,3-d]pyrimidin-3-yl)-1,4-anhydro-D-ribitol
3 water water
#
_entity_poly.entity_id   1
_entity_poly.type   'polypeptide(L)'
_entity_poly.pdbx_seq_one_letter_code
;QKIGILGAMREEITPILELFGVDFEEIPLGGNVFHKGVYHNKEIIVAYSKIGKVHSTLTTTSMILAFGVQKVLFSGVAGS
LVKDLKINDLLVATQLVQHDVDLSAFDHPLGFIPESAIFIETSGSLNALAKKIANEQHIALKEGVIASGDQFVHSKERKE
FLVSEFKASAVEMEGASVAFVCQKFGVPCCVLRSISDNADEKAGMSFDEFLEKSAHTSAKFLKSMVDEL
;
_entity_poly.pdbx_strand_id   A
#
# COMPACT_ATOMS: atom_id res chain seq x y z
N GLN A 1 -12.38 -17.11 -8.44
CA GLN A 1 -11.28 -16.11 -8.30
C GLN A 1 -11.38 -15.38 -6.96
N LYS A 2 -10.29 -15.42 -6.19
CA LYS A 2 -10.24 -14.79 -4.87
C LYS A 2 -9.34 -13.56 -4.88
N ILE A 3 -9.86 -12.46 -4.35
CA ILE A 3 -9.11 -11.21 -4.31
C ILE A 3 -9.04 -10.62 -2.90
N GLY A 4 -7.83 -10.26 -2.49
CA GLY A 4 -7.61 -9.68 -1.19
C GLY A 4 -7.40 -8.16 -1.33
N ILE A 5 -8.11 -7.40 -0.51
CA ILE A 5 -8.00 -5.95 -0.49
C ILE A 5 -7.54 -5.57 0.91
N LEU A 6 -6.47 -4.78 0.99
CA LEU A 6 -5.90 -4.38 2.28
C LEU A 6 -5.79 -2.88 2.47
N GLY A 7 -5.96 -2.47 3.72
CA GLY A 7 -5.79 -1.07 4.11
C GLY A 7 -5.02 -1.13 5.42
N ALA A 8 -4.47 0.00 5.87
CA ALA A 8 -3.72 -0.03 7.12
C ALA A 8 -4.62 0.37 8.29
N MET A 9 -5.43 1.39 8.05
CA MET A 9 -6.32 1.92 9.07
C MET A 9 -7.80 1.71 8.72
N ARG A 10 -8.62 1.57 9.75
CA ARG A 10 -10.05 1.37 9.58
C ARG A 10 -10.62 2.39 8.61
N GLU A 11 -10.22 3.65 8.79
CA GLU A 11 -10.68 4.73 7.93
C GLU A 11 -10.52 4.35 6.46
N GLU A 12 -9.39 3.73 6.14
CA GLU A 12 -9.07 3.39 4.76
C GLU A 12 -9.92 2.29 4.11
N ILE A 13 -10.46 1.39 4.91
CA ILE A 13 -11.26 0.30 4.34
C ILE A 13 -12.77 0.53 4.39
N THR A 14 -13.21 1.37 5.32
CA THR A 14 -14.63 1.66 5.44
C THR A 14 -15.22 2.11 4.09
N PRO A 15 -14.53 2.99 3.36
CA PRO A 15 -15.09 3.41 2.08
C PRO A 15 -15.20 2.26 1.11
N ILE A 16 -14.27 1.32 1.24
CA ILE A 16 -14.21 0.19 0.34
C ILE A 16 -15.40 -0.72 0.54
N LEU A 17 -15.69 -1.04 1.78
CA LEU A 17 -16.82 -1.88 2.09
C LEU A 17 -18.09 -1.25 1.50
N GLU A 18 -18.23 0.06 1.63
CA GLU A 18 -19.38 0.76 1.10
C GLU A 18 -19.49 0.66 -0.42
N LEU A 19 -18.46 1.11 -1.12
CA LEU A 19 -18.45 1.11 -2.59
C LEU A 19 -18.85 -0.23 -3.18
N PHE A 20 -18.54 -1.32 -2.49
CA PHE A 20 -18.89 -2.66 -2.97
C PHE A 20 -20.34 -2.97 -2.60
N GLY A 21 -20.86 -2.24 -1.64
CA GLY A 21 -22.24 -2.40 -1.19
C GLY A 21 -22.81 -3.80 -1.04
N VAL A 22 -22.01 -4.77 -0.66
CA VAL A 22 -22.55 -6.12 -0.49
C VAL A 22 -22.46 -6.51 0.97
N ASP A 23 -23.26 -7.49 1.37
CA ASP A 23 -23.21 -7.92 2.75
C ASP A 23 -21.85 -8.57 2.93
N PHE A 24 -21.27 -8.40 4.11
CA PHE A 24 -19.97 -8.98 4.40
C PHE A 24 -20.02 -9.81 5.65
N GLU A 25 -19.40 -10.98 5.60
CA GLU A 25 -19.34 -11.85 6.76
C GLU A 25 -18.09 -11.39 7.50
N GLU A 26 -18.13 -11.40 8.83
CA GLU A 26 -16.97 -10.97 9.60
C GLU A 26 -16.29 -12.17 10.24
N ILE A 27 -15.04 -12.40 9.84
CA ILE A 27 -14.24 -13.52 10.32
C ILE A 27 -12.98 -13.05 11.03
N PRO A 28 -12.94 -13.17 12.39
CA PRO A 28 -11.77 -12.73 13.15
C PRO A 28 -10.66 -13.78 13.18
N LEU A 29 -9.42 -13.32 13.06
CA LEU A 29 -8.26 -14.21 13.05
C LEU A 29 -6.98 -13.40 13.27
N GLY A 30 -6.17 -13.83 14.22
CA GLY A 30 -4.90 -13.18 14.49
C GLY A 30 -4.96 -11.74 14.92
N GLY A 31 -6.10 -11.34 15.48
CA GLY A 31 -6.23 -9.97 15.94
C GLY A 31 -6.72 -9.06 14.84
N ASN A 32 -7.08 -9.67 13.70
CA ASN A 32 -7.61 -8.92 12.57
C ASN A 32 -9.03 -9.37 12.28
N VAL A 33 -9.85 -8.47 11.76
CA VAL A 33 -11.21 -8.80 11.39
C VAL A 33 -11.35 -8.77 9.88
N PHE A 34 -11.52 -9.94 9.28
CA PHE A 34 -11.65 -10.06 7.85
C PHE A 34 -13.11 -9.99 7.39
N HIS A 35 -13.36 -9.18 6.36
CA HIS A 35 -14.69 -9.03 5.79
C HIS A 35 -14.75 -9.84 4.51
N LYS A 36 -15.54 -10.91 4.53
CA LYS A 36 -15.68 -11.80 3.37
C LYS A 36 -17.06 -11.70 2.74
N GLY A 37 -17.09 -11.37 1.46
CA GLY A 37 -18.34 -11.23 0.75
C GLY A 37 -18.16 -11.68 -0.68
N VAL A 38 -19.21 -11.52 -1.49
CA VAL A 38 -19.16 -11.90 -2.90
C VAL A 38 -19.57 -10.70 -3.73
N TYR A 39 -18.77 -10.39 -4.74
CA TYR A 39 -19.02 -9.25 -5.60
C TYR A 39 -18.94 -9.77 -7.02
N HIS A 40 -20.09 -9.76 -7.68
CA HIS A 40 -20.21 -10.26 -9.02
C HIS A 40 -19.93 -11.76 -9.08
N ASN A 41 -18.74 -12.12 -9.55
CA ASN A 41 -18.37 -13.51 -9.70
C ASN A 41 -17.11 -13.81 -8.92
N LYS A 42 -16.54 -12.75 -8.37
CA LYS A 42 -15.30 -12.83 -7.62
C LYS A 42 -15.55 -12.79 -6.12
N GLU A 43 -14.70 -13.47 -5.35
CA GLU A 43 -14.83 -13.51 -3.90
C GLU A 43 -13.81 -12.50 -3.35
N ILE A 44 -14.26 -11.56 -2.55
CA ILE A 44 -13.35 -10.54 -2.05
C ILE A 44 -13.18 -10.53 -0.53
N ILE A 45 -11.93 -10.58 -0.08
CA ILE A 45 -11.60 -10.54 1.34
C ILE A 45 -11.00 -9.18 1.67
N VAL A 46 -11.67 -8.41 2.50
CA VAL A 46 -11.20 -7.07 2.87
C VAL A 46 -10.77 -7.00 4.34
N ALA A 47 -9.84 -6.10 4.66
CA ALA A 47 -9.39 -5.94 6.03
C ALA A 47 -8.38 -4.81 6.19
N TYR A 48 -8.26 -4.29 7.41
CA TYR A 48 -7.24 -3.29 7.70
C TYR A 48 -6.25 -4.02 8.60
N SER A 49 -4.95 -3.90 8.30
CA SER A 49 -3.95 -4.63 9.05
C SER A 49 -3.59 -4.00 10.37
N LYS A 50 -3.70 -2.68 10.41
CA LYS A 50 -3.26 -1.84 11.52
C LYS A 50 -1.87 -1.38 11.09
N ILE A 51 -1.39 -0.34 11.75
CA ILE A 51 -0.13 0.28 11.39
C ILE A 51 1.17 -0.48 11.58
N GLY A 52 2.11 -0.27 10.65
CA GLY A 52 3.43 -0.83 10.78
C GLY A 52 3.76 -2.06 9.99
N LYS A 53 5.04 -2.41 10.00
CA LYS A 53 5.57 -3.54 9.27
C LYS A 53 5.17 -4.89 9.85
N VAL A 54 5.20 -5.01 11.16
CA VAL A 54 4.83 -6.26 11.78
C VAL A 54 3.34 -6.52 11.56
N HIS A 55 2.49 -5.51 11.80
CA HIS A 55 1.05 -5.68 11.58
C HIS A 55 0.73 -6.05 10.12
N SER A 56 1.34 -5.35 9.19
CA SER A 56 1.04 -5.58 7.80
C SER A 56 1.52 -6.90 7.28
N THR A 57 2.68 -7.38 7.77
CA THR A 57 3.20 -8.69 7.36
C THR A 57 2.27 -9.77 7.88
N LEU A 58 1.96 -9.66 9.16
CA LEU A 58 1.09 -10.62 9.82
C LEU A 58 -0.21 -10.79 9.06
N THR A 59 -0.87 -9.67 8.78
CA THR A 59 -2.14 -9.66 8.08
C THR A 59 -2.12 -10.20 6.65
N THR A 60 -1.10 -9.85 5.89
CA THR A 60 -1.00 -10.35 4.54
C THR A 60 -0.79 -11.85 4.55
N THR A 61 0.06 -12.35 5.44
CA THR A 61 0.34 -13.80 5.50
C THR A 61 -0.94 -14.55 5.85
N SER A 62 -1.66 -14.04 6.85
CA SER A 62 -2.93 -14.66 7.23
C SER A 62 -3.87 -14.67 6.03
N MET A 63 -3.98 -13.54 5.36
CA MET A 63 -4.85 -13.42 4.21
C MET A 63 -4.53 -14.49 3.16
N ILE A 64 -3.25 -14.75 2.93
CA ILE A 64 -2.85 -15.74 1.94
C ILE A 64 -3.01 -17.19 2.37
N LEU A 65 -2.55 -17.54 3.56
CA LEU A 65 -2.61 -18.92 4.04
C LEU A 65 -3.95 -19.40 4.56
N ALA A 66 -4.79 -18.49 5.04
CA ALA A 66 -6.07 -18.93 5.59
C ALA A 66 -7.20 -18.78 4.60
N PHE A 67 -7.11 -17.77 3.75
CA PHE A 67 -8.14 -17.52 2.76
C PHE A 67 -7.66 -17.82 1.35
N GLY A 68 -6.36 -17.99 1.19
CA GLY A 68 -5.83 -18.32 -0.13
C GLY A 68 -6.17 -17.35 -1.24
N VAL A 69 -6.08 -16.05 -0.98
CA VAL A 69 -6.36 -15.08 -2.02
C VAL A 69 -5.36 -15.34 -3.14
N GLN A 70 -5.67 -14.86 -4.32
CA GLN A 70 -4.82 -15.06 -5.48
C GLN A 70 -4.23 -13.74 -5.94
N LYS A 71 -4.73 -12.63 -5.40
CA LYS A 71 -4.24 -11.31 -5.75
C LYS A 71 -4.39 -10.43 -4.53
N VAL A 72 -3.54 -9.42 -4.42
CA VAL A 72 -3.61 -8.52 -3.30
C VAL A 72 -3.50 -7.08 -3.76
N LEU A 73 -4.51 -6.29 -3.45
CA LEU A 73 -4.53 -4.87 -3.80
C LEU A 73 -4.53 -4.09 -2.48
N PHE A 74 -3.62 -3.14 -2.35
CA PHE A 74 -3.49 -2.33 -1.14
C PHE A 74 -3.79 -0.87 -1.47
N SER A 75 -4.55 -0.22 -0.60
CA SER A 75 -4.93 1.16 -0.75
C SER A 75 -4.73 1.86 0.56
N GLY A 76 -4.15 3.05 0.53
CA GLY A 76 -3.92 3.78 1.75
C GLY A 76 -3.32 5.10 1.34
N VAL A 77 -2.85 5.84 2.33
CA VAL A 77 -2.26 7.15 2.09
C VAL A 77 -0.76 7.12 2.34
N ALA A 78 -0.06 8.13 1.84
CA ALA A 78 1.39 8.21 2.01
C ALA A 78 1.88 9.65 1.96
N GLY A 79 3.08 9.88 2.47
CA GLY A 79 3.64 11.21 2.44
C GLY A 79 4.45 11.39 1.17
N SER A 80 4.56 12.64 0.69
CA SER A 80 5.32 12.92 -0.51
C SER A 80 6.78 13.30 -0.23
N LEU A 81 7.66 12.87 -1.14
CA LEU A 81 9.08 13.14 -1.01
C LEU A 81 9.56 14.05 -2.14
N VAL A 82 8.73 14.20 -3.16
CA VAL A 82 9.08 15.03 -4.31
C VAL A 82 8.03 16.09 -4.70
N LYS A 83 8.46 17.11 -5.45
CA LYS A 83 7.58 18.19 -5.86
C LYS A 83 6.38 17.76 -6.70
N ASP A 84 6.61 17.06 -7.80
CA ASP A 84 5.51 16.67 -8.66
C ASP A 84 4.44 15.77 -8.04
N LEU A 85 4.58 15.47 -6.75
CA LEU A 85 3.55 14.69 -6.05
C LEU A 85 2.91 15.63 -5.06
N LYS A 86 1.60 15.78 -5.12
CA LYS A 86 0.91 16.70 -4.23
C LYS A 86 -0.23 16.00 -3.54
N ILE A 87 -0.79 16.66 -2.53
CA ILE A 87 -1.91 16.13 -1.77
C ILE A 87 -2.96 15.57 -2.72
N ASN A 88 -3.57 14.46 -2.33
CA ASN A 88 -4.62 13.80 -3.10
C ASN A 88 -4.15 13.12 -4.37
N ASP A 89 -2.90 13.34 -4.75
CA ASP A 89 -2.35 12.67 -5.94
C ASP A 89 -2.38 11.17 -5.71
N LEU A 90 -2.51 10.42 -6.79
CA LEU A 90 -2.51 8.96 -6.72
C LEU A 90 -1.19 8.40 -7.27
N LEU A 91 -0.62 7.43 -6.56
CA LEU A 91 0.62 6.80 -6.98
C LEU A 91 0.52 5.28 -6.96
N VAL A 92 1.21 4.65 -7.90
CA VAL A 92 1.25 3.19 -7.96
C VAL A 92 2.70 2.80 -7.79
N ALA A 93 2.96 1.95 -6.81
CA ALA A 93 4.31 1.51 -6.49
C ALA A 93 4.91 0.58 -7.54
N THR A 94 6.12 0.91 -7.97
CA THR A 94 6.82 0.07 -8.96
C THR A 94 7.77 -0.87 -8.22
N GLN A 95 8.45 -0.32 -7.23
CA GLN A 95 9.38 -1.07 -6.41
C GLN A 95 9.23 -0.51 -5.01
N LEU A 96 9.43 -1.37 -4.00
CA LEU A 96 9.33 -0.92 -2.63
C LEU A 96 10.60 -1.35 -1.92
N VAL A 97 10.99 -0.56 -0.91
CA VAL A 97 12.18 -0.81 -0.10
C VAL A 97 11.93 -0.47 1.38
N GLN A 98 12.59 -1.19 2.28
CA GLN A 98 12.46 -0.94 3.72
C GLN A 98 13.64 -0.03 4.06
N HIS A 99 13.35 1.26 4.12
CA HIS A 99 14.34 2.28 4.32
C HIS A 99 14.95 2.32 5.71
N ASP A 100 14.35 1.60 6.67
CA ASP A 100 14.87 1.60 8.03
C ASP A 100 15.72 0.36 8.38
N VAL A 101 16.00 -0.49 7.39
CA VAL A 101 16.82 -1.67 7.61
C VAL A 101 18.28 -1.25 7.55
N ASP A 102 19.03 -1.58 8.59
CA ASP A 102 20.44 -1.19 8.61
C ASP A 102 21.40 -2.20 9.19
N LEU A 103 22.02 -2.97 8.31
CA LEU A 103 23.06 -3.92 8.70
C LEU A 103 24.42 -3.33 8.29
N SER A 104 24.50 -2.00 8.33
CA SER A 104 25.73 -1.31 7.94
C SER A 104 26.94 -1.85 8.71
N ALA A 105 26.75 -2.13 9.99
CA ALA A 105 27.82 -2.66 10.81
C ALA A 105 28.51 -3.81 10.08
N PHE A 106 27.78 -4.52 9.24
CA PHE A 106 28.34 -5.63 8.50
C PHE A 106 28.69 -5.24 7.08
N ASP A 107 28.95 -3.95 6.88
CA ASP A 107 29.31 -3.40 5.57
C ASP A 107 28.35 -3.78 4.47
N HIS A 108 27.06 -3.67 4.77
CA HIS A 108 26.02 -3.96 3.80
C HIS A 108 25.39 -2.63 3.42
N PRO A 109 24.88 -2.53 2.18
CA PRO A 109 24.21 -1.28 1.80
C PRO A 109 22.93 -1.17 2.61
N LEU A 110 22.46 0.04 2.84
CA LEU A 110 21.25 0.22 3.62
C LEU A 110 20.05 -0.41 2.92
N GLY A 111 19.16 -1.01 3.70
CA GLY A 111 17.98 -1.64 3.13
C GLY A 111 18.22 -3.06 2.73
N PHE A 112 19.44 -3.53 2.86
CA PHE A 112 19.73 -4.92 2.48
C PHE A 112 19.73 -5.89 3.64
N ILE A 113 19.19 -7.08 3.39
CA ILE A 113 19.18 -8.16 4.37
C ILE A 113 19.65 -9.41 3.65
N PRO A 114 20.62 -10.14 4.23
CA PRO A 114 21.14 -11.35 3.59
C PRO A 114 20.00 -12.29 3.18
N GLU A 115 20.16 -12.92 2.02
CA GLU A 115 19.15 -13.84 1.50
C GLU A 115 17.89 -13.14 1.04
N SER A 116 17.97 -11.82 0.96
CA SER A 116 16.86 -11.01 0.50
C SER A 116 17.34 -10.05 -0.59
N ALA A 117 16.66 -8.91 -0.71
CA ALA A 117 17.05 -7.94 -1.72
C ALA A 117 16.61 -6.59 -1.20
N ILE A 118 17.21 -5.52 -1.72
CA ILE A 118 16.83 -4.17 -1.31
C ILE A 118 15.44 -3.82 -1.85
N PHE A 119 15.24 -4.00 -3.16
CA PHE A 119 13.97 -3.64 -3.81
C PHE A 119 13.10 -4.82 -4.09
N ILE A 120 11.80 -4.63 -3.90
CA ILE A 120 10.81 -5.68 -4.14
C ILE A 120 9.95 -5.15 -5.26
N GLU A 121 9.62 -6.00 -6.23
CA GLU A 121 8.78 -5.56 -7.34
C GLU A 121 7.34 -5.97 -7.13
N THR A 122 6.44 -5.25 -7.80
CA THR A 122 5.01 -5.52 -7.74
C THR A 122 4.51 -6.03 -9.08
N SER A 123 3.25 -6.43 -9.09
CA SER A 123 2.64 -7.00 -10.27
C SER A 123 2.68 -6.16 -11.54
N GLY A 124 3.30 -6.74 -12.58
CA GLY A 124 3.37 -6.06 -13.85
C GLY A 124 1.99 -5.90 -14.47
N SER A 125 1.19 -6.97 -14.50
CA SER A 125 -0.13 -6.86 -15.09
C SER A 125 -1.08 -5.96 -14.29
N LEU A 126 -1.02 -6.00 -12.96
CA LEU A 126 -1.91 -5.18 -12.16
C LEU A 126 -1.59 -3.73 -12.39
N ASN A 127 -0.31 -3.40 -12.32
CA ASN A 127 0.08 -2.02 -12.54
C ASN A 127 -0.32 -1.59 -13.96
N ALA A 128 -0.15 -2.47 -14.93
CA ALA A 128 -0.53 -2.13 -16.29
C ALA A 128 -2.01 -1.73 -16.28
N LEU A 129 -2.85 -2.59 -15.71
CA LEU A 129 -4.28 -2.34 -15.65
C LEU A 129 -4.61 -1.05 -14.93
N ALA A 130 -3.77 -0.68 -13.97
CA ALA A 130 -4.00 0.55 -13.23
C ALA A 130 -3.84 1.72 -14.16
N LYS A 131 -2.82 1.66 -15.01
CA LYS A 131 -2.54 2.75 -15.95
C LYS A 131 -3.60 2.85 -17.04
N LYS A 132 -4.10 1.71 -17.46
CA LYS A 132 -5.17 1.68 -18.43
C LYS A 132 -6.30 2.54 -17.84
N ILE A 133 -6.94 2.03 -16.80
CA ILE A 133 -8.00 2.73 -16.10
C ILE A 133 -7.72 4.21 -15.84
N ALA A 134 -6.57 4.52 -15.26
CA ALA A 134 -6.23 5.91 -14.98
C ALA A 134 -6.33 6.73 -16.24
N ASN A 135 -6.09 6.07 -17.38
CA ASN A 135 -6.15 6.76 -18.67
C ASN A 135 -7.56 6.76 -19.22
N GLU A 136 -8.43 5.95 -18.63
CA GLU A 136 -9.81 5.87 -19.07
C GLU A 136 -10.69 6.86 -18.32
N GLN A 137 -10.19 7.43 -17.22
CA GLN A 137 -10.97 8.40 -16.48
C GLN A 137 -10.21 9.69 -16.25
N HIS A 138 -9.21 9.93 -17.11
CA HIS A 138 -8.41 11.15 -17.05
C HIS A 138 -7.79 11.41 -15.69
N ILE A 139 -7.39 10.33 -15.02
CA ILE A 139 -6.76 10.43 -13.71
C ILE A 139 -5.25 10.40 -13.86
N ALA A 140 -4.58 11.40 -13.31
CA ALA A 140 -3.13 11.47 -13.40
C ALA A 140 -2.47 10.48 -12.46
N LEU A 141 -2.20 9.27 -12.96
CA LEU A 141 -1.56 8.26 -12.14
C LEU A 141 -0.06 8.36 -12.27
N LYS A 142 0.58 8.62 -11.14
CA LYS A 142 2.01 8.74 -11.10
C LYS A 142 2.50 7.38 -10.60
N GLU A 143 3.65 6.94 -11.08
CA GLU A 143 4.17 5.67 -10.62
C GLU A 143 5.56 5.90 -10.06
N GLY A 144 6.02 5.01 -9.19
CA GLY A 144 7.34 5.19 -8.63
C GLY A 144 7.71 4.30 -7.45
N VAL A 145 8.90 4.59 -6.93
CA VAL A 145 9.41 3.82 -5.82
C VAL A 145 8.84 4.35 -4.52
N ILE A 146 8.39 3.42 -3.68
CA ILE A 146 7.83 3.75 -2.38
C ILE A 146 8.75 3.20 -1.27
N ALA A 147 9.03 4.04 -0.28
CA ALA A 147 9.88 3.64 0.84
C ALA A 147 8.99 3.41 2.07
N SER A 148 9.25 2.32 2.80
CA SER A 148 8.47 1.93 3.97
C SER A 148 9.37 1.65 5.17
N GLY A 149 8.95 2.10 6.34
CA GLY A 149 9.69 1.90 7.58
C GLY A 149 8.71 2.03 8.72
N ASP A 150 9.15 1.83 9.96
CA ASP A 150 8.24 1.94 11.11
C ASP A 150 8.34 3.27 11.83
N GLN A 151 8.58 4.31 11.06
CA GLN A 151 8.67 5.65 11.61
C GLN A 151 7.78 6.59 10.79
N PHE A 152 6.96 7.39 11.46
CA PHE A 152 6.18 8.34 10.70
C PHE A 152 7.21 9.38 10.31
N VAL A 153 7.40 9.57 9.01
CA VAL A 153 8.40 10.53 8.51
C VAL A 153 7.88 11.96 8.48
N HIS A 154 8.64 12.87 9.08
CA HIS A 154 8.24 14.27 9.13
C HIS A 154 9.41 15.23 9.41
N SER A 155 10.42 15.20 8.56
CA SER A 155 11.56 16.08 8.73
C SER A 155 12.28 16.20 7.41
N LYS A 156 12.75 17.40 7.12
CA LYS A 156 13.44 17.65 5.86
C LYS A 156 14.63 16.74 5.65
N GLU A 157 15.35 16.43 6.72
CA GLU A 157 16.53 15.58 6.62
C GLU A 157 16.19 14.20 6.10
N ARG A 158 15.35 13.48 6.83
CA ARG A 158 14.96 12.14 6.43
C ARG A 158 14.44 12.17 5.00
N LYS A 159 13.74 13.26 4.67
CA LYS A 159 13.20 13.43 3.34
C LYS A 159 14.31 13.28 2.32
N GLU A 160 15.32 14.15 2.40
CA GLU A 160 16.42 14.10 1.46
C GLU A 160 17.11 12.74 1.46
N PHE A 161 17.21 12.13 2.63
CA PHE A 161 17.85 10.83 2.75
C PHE A 161 17.18 9.73 1.90
N LEU A 162 15.85 9.63 1.96
CA LEU A 162 15.15 8.62 1.18
C LEU A 162 15.30 8.86 -0.32
N VAL A 163 15.35 10.12 -0.71
CA VAL A 163 15.48 10.45 -2.11
C VAL A 163 16.87 10.09 -2.62
N SER A 164 17.89 10.52 -1.90
CA SER A 164 19.25 10.26 -2.32
C SER A 164 19.66 8.81 -2.19
N GLU A 165 19.22 8.13 -1.14
CA GLU A 165 19.62 6.75 -0.96
C GLU A 165 18.81 5.76 -1.81
N PHE A 166 17.52 6.01 -1.98
CA PHE A 166 16.68 5.07 -2.70
C PHE A 166 15.98 5.65 -3.90
N LYS A 167 16.03 6.96 -4.00
CA LYS A 167 15.35 7.65 -5.09
C LYS A 167 13.87 7.29 -5.02
N ALA A 168 13.28 7.56 -3.86
CA ALA A 168 11.88 7.25 -3.63
C ALA A 168 10.99 8.47 -3.84
N SER A 169 9.76 8.22 -4.26
CA SER A 169 8.81 9.30 -4.49
C SER A 169 7.85 9.47 -3.32
N ALA A 170 7.52 8.36 -2.66
CA ALA A 170 6.60 8.39 -1.54
C ALA A 170 7.09 7.57 -0.33
N VAL A 171 6.60 7.91 0.87
CA VAL A 171 7.00 7.21 2.07
C VAL A 171 5.79 6.78 2.86
N GLU A 172 5.84 5.57 3.40
CA GLU A 172 4.77 5.04 4.23
C GLU A 172 5.27 3.93 5.13
N MET A 173 4.37 3.15 5.72
CA MET A 173 4.75 2.14 6.68
C MET A 173 4.23 0.70 6.47
N GLU A 174 3.72 0.33 5.31
CA GLU A 174 3.22 -1.03 5.16
C GLU A 174 3.41 -1.56 3.77
N GLY A 175 3.74 -0.69 2.84
CA GLY A 175 3.82 -1.15 1.48
C GLY A 175 4.78 -2.29 1.22
N ALA A 176 6.00 -2.09 1.68
CA ALA A 176 7.08 -3.03 1.40
C ALA A 176 6.88 -4.40 1.99
N SER A 177 6.47 -4.45 3.24
CA SER A 177 6.23 -5.73 3.85
C SER A 177 5.11 -6.47 3.12
N VAL A 178 4.05 -5.76 2.77
CA VAL A 178 2.95 -6.39 2.03
C VAL A 178 3.48 -6.97 0.74
N ALA A 179 4.18 -6.15 -0.04
CA ALA A 179 4.73 -6.60 -1.32
C ALA A 179 5.68 -7.79 -1.15
N PHE A 180 6.52 -7.73 -0.11
CA PHE A 180 7.46 -8.79 0.20
C PHE A 180 6.78 -10.15 0.40
N VAL A 181 5.78 -10.18 1.26
CA VAL A 181 5.10 -11.42 1.58
C VAL A 181 4.47 -12.00 0.32
N CYS A 182 3.82 -11.16 -0.46
CA CYS A 182 3.15 -11.63 -1.67
C CYS A 182 4.17 -12.25 -2.62
N GLN A 183 5.32 -11.61 -2.72
CA GLN A 183 6.37 -12.12 -3.60
C GLN A 183 6.80 -13.49 -3.10
N LYS A 184 6.96 -13.66 -1.79
CA LYS A 184 7.39 -14.95 -1.25
C LYS A 184 6.42 -16.07 -1.55
N PHE A 185 5.15 -15.73 -1.65
CA PHE A 185 4.10 -16.73 -1.90
C PHE A 185 3.71 -16.69 -3.37
N GLY A 186 4.38 -15.83 -4.12
CA GLY A 186 4.10 -15.71 -5.54
C GLY A 186 2.76 -15.06 -5.90
N VAL A 187 2.16 -14.34 -4.96
CA VAL A 187 0.88 -13.70 -5.22
C VAL A 187 1.06 -12.31 -5.87
N PRO A 188 0.38 -12.06 -7.02
CA PRO A 188 0.55 -10.74 -7.61
C PRO A 188 -0.02 -9.69 -6.68
N CYS A 189 0.72 -8.61 -6.52
CA CYS A 189 0.36 -7.55 -5.61
C CYS A 189 0.44 -6.22 -6.28
N CYS A 190 -0.46 -5.32 -5.90
CA CYS A 190 -0.45 -3.96 -6.40
C CYS A 190 -0.58 -3.02 -5.20
N VAL A 191 0.32 -2.04 -5.10
CA VAL A 191 0.30 -1.10 -3.99
C VAL A 191 0.02 0.29 -4.52
N LEU A 192 -1.16 0.79 -4.17
CA LEU A 192 -1.64 2.09 -4.58
C LEU A 192 -1.75 2.99 -3.36
N ARG A 193 -1.30 4.23 -3.51
CA ARG A 193 -1.32 5.18 -2.40
C ARG A 193 -1.79 6.56 -2.84
N SER A 194 -2.39 7.29 -1.91
CA SER A 194 -2.83 8.65 -2.20
C SER A 194 -2.13 9.59 -1.22
N ILE A 195 -1.37 10.55 -1.75
CA ILE A 195 -0.64 11.50 -0.92
C ILE A 195 -1.57 12.17 0.09
N SER A 196 -1.09 12.37 1.31
CA SER A 196 -1.89 12.99 2.36
C SER A 196 -1.06 14.01 3.13
N ASP A 197 0.21 14.11 2.79
CA ASP A 197 1.12 15.05 3.43
C ASP A 197 2.44 15.06 2.68
N ASN A 198 3.31 16.01 3.00
CA ASN A 198 4.59 16.13 2.32
C ASN A 198 5.78 15.67 3.17
N ALA A 199 5.48 14.91 4.21
CA ALA A 199 6.50 14.35 5.09
C ALA A 199 7.48 15.37 5.67
N ASP A 200 6.98 16.54 6.06
CA ASP A 200 7.83 17.58 6.63
C ASP A 200 7.34 17.84 8.03
N GLU A 201 7.92 18.87 8.66
CA GLU A 201 7.57 19.24 10.01
C GLU A 201 6.07 19.36 10.23
N LYS A 202 5.32 19.72 9.19
CA LYS A 202 3.87 19.87 9.33
C LYS A 202 3.07 18.67 8.82
N ALA A 203 3.76 17.58 8.47
CA ALA A 203 3.10 16.37 7.96
C ALA A 203 2.01 15.86 8.87
N GLY A 204 2.24 15.95 10.19
CA GLY A 204 1.26 15.48 11.14
C GLY A 204 -0.06 16.23 11.00
N MET A 205 0.01 17.56 10.88
CA MET A 205 -1.21 18.36 10.74
C MET A 205 -1.91 18.01 9.44
N SER A 206 -1.17 18.19 8.35
CA SER A 206 -1.71 17.93 7.03
C SER A 206 -2.35 16.54 6.96
N PHE A 207 -1.71 15.56 7.59
CA PHE A 207 -2.23 14.19 7.59
C PHE A 207 -3.59 14.10 8.26
N ASP A 208 -3.71 14.67 9.46
CA ASP A 208 -4.99 14.62 10.16
C ASP A 208 -6.09 15.24 9.32
N GLU A 209 -5.70 16.19 8.48
CA GLU A 209 -6.65 16.88 7.62
C GLU A 209 -7.15 16.06 6.45
N PHE A 210 -6.23 15.60 5.59
CA PHE A 210 -6.60 14.89 4.38
C PHE A 210 -6.86 13.39 4.48
N LEU A 211 -6.54 12.78 5.61
CA LEU A 211 -6.75 11.34 5.75
C LEU A 211 -8.04 10.87 5.06
N GLU A 212 -9.19 11.28 5.60
CA GLU A 212 -10.49 10.87 5.07
C GLU A 212 -10.59 10.98 3.56
N LYS A 213 -10.43 12.19 3.04
CA LYS A 213 -10.54 12.41 1.60
C LYS A 213 -9.57 11.53 0.81
N SER A 214 -8.26 11.71 1.03
CA SER A 214 -7.25 10.92 0.34
C SER A 214 -7.53 9.42 0.41
N ALA A 215 -8.04 8.98 1.56
CA ALA A 215 -8.38 7.57 1.72
C ALA A 215 -9.45 7.22 0.68
N HIS A 216 -10.48 8.06 0.59
CA HIS A 216 -11.56 7.86 -0.37
C HIS A 216 -11.08 7.76 -1.83
N THR A 217 -10.40 8.80 -2.31
CA THR A 217 -9.90 8.80 -3.68
C THR A 217 -9.30 7.42 -3.99
N SER A 218 -8.32 7.03 -3.19
CA SER A 218 -7.64 5.75 -3.35
C SER A 218 -8.63 4.58 -3.45
N ALA A 219 -9.66 4.64 -2.63
CA ALA A 219 -10.66 3.60 -2.59
C ALA A 219 -11.47 3.53 -3.87
N LYS A 220 -11.77 4.69 -4.42
CA LYS A 220 -12.58 4.72 -5.62
C LYS A 220 -11.83 4.02 -6.76
N PHE A 221 -10.57 4.38 -6.93
CA PHE A 221 -9.76 3.80 -7.97
C PHE A 221 -9.68 2.29 -7.81
N LEU A 222 -9.34 1.85 -6.61
CA LEU A 222 -9.20 0.42 -6.35
C LEU A 222 -10.46 -0.34 -6.73
N LYS A 223 -11.61 0.27 -6.48
CA LYS A 223 -12.87 -0.37 -6.79
C LYS A 223 -13.02 -0.42 -8.31
N SER A 224 -12.53 0.62 -8.97
CA SER A 224 -12.58 0.66 -10.42
C SER A 224 -11.83 -0.55 -10.98
N MET A 225 -10.63 -0.80 -10.46
CA MET A 225 -9.82 -1.94 -10.90
C MET A 225 -10.47 -3.28 -10.65
N VAL A 226 -11.04 -3.46 -9.46
CA VAL A 226 -11.68 -4.75 -9.16
C VAL A 226 -12.78 -5.01 -10.17
N ASP A 227 -13.46 -3.94 -10.57
CA ASP A 227 -14.53 -4.09 -11.55
C ASP A 227 -14.03 -4.69 -12.86
N GLU A 228 -12.79 -4.39 -13.20
CA GLU A 228 -12.19 -4.87 -14.44
C GLU A 228 -11.54 -6.24 -14.40
N LEU A 229 -11.44 -6.84 -13.21
CA LEU A 229 -10.81 -8.14 -13.10
C LEU A 229 -11.78 -9.25 -13.43
#